data_1WO6
#
_entry.id   1WO6
#
loop_
_entity.id
_entity.type
_entity.pdbx_description
1 polymer 'CREB Binding Protein'
2 non-polymer 'ZINC ION'
#
_entity_poly.entity_id   1
_entity_poly.type   'polypeptide(L)'
_entity_poly.pdbx_seq_one_letter_code
;AVYYCILPKCAAAANVAAHTTHCFK
;
_entity_poly.pdbx_strand_id   A
#
# COMPACT_ATOMS: atom_id res chain seq x y z
N ALA A 1 6.32 2.90 -2.49
CA ALA A 1 5.91 2.96 -1.06
C ALA A 1 4.40 3.06 -0.93
N VAL A 2 3.94 3.37 0.28
CA VAL A 2 2.51 3.50 0.54
C VAL A 2 2.02 4.92 0.25
N TYR A 3 2.93 5.89 0.38
CA TYR A 3 2.60 7.29 0.13
C TYR A 3 2.08 7.47 -1.29
N TYR A 4 2.56 6.63 -2.21
CA TYR A 4 2.15 6.70 -3.61
C TYR A 4 1.06 5.67 -3.90
N CYS A 5 0.34 5.26 -2.86
CA CYS A 5 -0.73 4.29 -3.01
C CYS A 5 -2.06 4.98 -3.24
N ILE A 6 -2.70 4.66 -4.36
CA ILE A 6 -3.99 5.27 -4.71
C ILE A 6 -5.15 4.37 -4.31
N LEU A 7 -5.00 3.65 -3.20
CA LEU A 7 -6.04 2.76 -2.71
C LEU A 7 -6.50 3.16 -1.32
N PRO A 8 -7.82 3.23 -1.09
CA PRO A 8 -8.37 3.61 0.21
C PRO A 8 -8.22 2.50 1.26
N LYS A 9 -8.54 1.28 0.87
CA LYS A 9 -8.42 0.13 1.76
C LYS A 9 -7.37 -0.86 1.26
N CYS A 10 -6.12 -0.42 1.27
CA CYS A 10 -5.02 -1.27 0.81
C CYS A 10 -4.37 -2.00 1.98
N ALA A 11 -3.71 -1.25 2.85
CA ALA A 11 -3.04 -1.82 4.02
C ALA A 11 -3.89 -1.68 5.26
N ALA A 12 -3.88 -2.70 6.11
CA ALA A 12 -4.66 -2.69 7.34
C ALA A 12 -3.99 -1.79 8.39
N ALA A 13 -2.69 -1.98 8.57
CA ALA A 13 -1.93 -1.18 9.53
C ALA A 13 -1.06 -0.15 8.84
N ALA A 14 -1.50 0.30 7.67
CA ALA A 14 -0.76 1.29 6.90
C ALA A 14 0.64 0.79 6.55
N ASN A 15 0.79 -0.52 6.45
CA ASN A 15 2.08 -1.13 6.14
C ASN A 15 2.34 -1.09 4.64
N VAL A 16 3.61 -0.91 4.28
CA VAL A 16 4.01 -0.82 2.89
C VAL A 16 4.60 -2.15 2.41
N ALA A 17 5.46 -2.74 3.23
CA ALA A 17 6.09 -4.01 2.90
C ALA A 17 5.07 -5.04 2.45
N ALA A 18 3.84 -4.90 2.94
CA ALA A 18 2.77 -5.81 2.59
C ALA A 18 1.88 -5.24 1.48
N HIS A 19 1.90 -3.92 1.33
CA HIS A 19 1.09 -3.26 0.31
C HIS A 19 1.78 -3.33 -1.05
N THR A 20 3.06 -2.96 -1.10
CA THR A 20 3.81 -2.98 -2.36
C THR A 20 3.59 -4.27 -3.14
N THR A 21 3.27 -5.35 -2.42
CA THR A 21 3.03 -6.65 -3.05
C THR A 21 2.06 -6.54 -4.22
N HIS A 22 1.03 -5.72 -4.04
CA HIS A 22 0.02 -5.52 -5.08
C HIS A 22 0.22 -4.20 -5.79
N CYS A 23 0.63 -3.19 -5.05
CA CYS A 23 0.86 -1.88 -5.60
C CYS A 23 2.27 -1.75 -6.19
N PHE A 24 2.35 -1.30 -7.44
CA PHE A 24 3.62 -1.14 -8.11
C PHE A 24 4.09 0.32 -8.06
N LYS A 25 3.80 0.98 -6.94
CA LYS A 25 4.18 2.38 -6.76
C LYS A 25 3.56 3.26 -7.84
N ALA A 1 5.10 3.45 -2.99
CA ALA A 1 5.15 3.36 -1.51
C ALA A 1 3.75 3.32 -0.91
N VAL A 2 3.66 3.47 0.41
CA VAL A 2 2.38 3.46 1.10
C VAL A 2 1.69 4.81 0.98
N TYR A 3 2.47 5.88 1.08
CA TYR A 3 1.94 7.23 0.98
C TYR A 3 1.54 7.55 -0.45
N TYR A 4 2.26 6.96 -1.41
CA TYR A 4 1.98 7.17 -2.82
C TYR A 4 0.81 6.31 -3.29
N CYS A 5 0.60 5.19 -2.59
CA CYS A 5 -0.48 4.27 -2.93
C CYS A 5 -1.82 5.00 -3.02
N ILE A 6 -2.44 4.94 -4.19
CA ILE A 6 -3.72 5.61 -4.41
C ILE A 6 -4.89 4.74 -3.93
N LEU A 7 -4.69 3.43 -3.90
CA LEU A 7 -5.72 2.50 -3.47
C LEU A 7 -6.26 2.88 -2.08
N PRO A 8 -7.58 3.05 -1.96
CA PRO A 8 -8.20 3.42 -0.68
C PRO A 8 -8.17 2.27 0.34
N LYS A 9 -8.54 1.09 -0.11
CA LYS A 9 -8.56 -0.08 0.75
C LYS A 9 -7.19 -0.77 0.75
N CYS A 10 -6.16 0.00 1.08
CA CYS A 10 -4.79 -0.53 1.12
C CYS A 10 -4.12 -0.21 2.44
N ALA A 11 -4.92 -0.10 3.50
CA ALA A 11 -4.39 0.21 4.82
C ALA A 11 -4.57 -0.96 5.78
N ALA A 12 -3.88 -2.07 5.49
CA ALA A 12 -3.97 -3.26 6.32
C ALA A 12 -3.32 -3.02 7.69
N ALA A 13 -2.20 -2.31 7.69
CA ALA A 13 -1.49 -2.00 8.92
C ALA A 13 -0.54 -0.82 8.74
N ALA A 14 -0.90 0.08 7.82
CA ALA A 14 -0.08 1.26 7.55
C ALA A 14 1.33 0.87 7.13
N ASN A 15 1.46 -0.31 6.53
CA ASN A 15 2.75 -0.81 6.08
C ASN A 15 2.83 -0.86 4.56
N VAL A 16 4.03 -0.69 4.05
CA VAL A 16 4.26 -0.70 2.61
C VAL A 16 4.79 -2.05 2.14
N ALA A 17 5.76 -2.58 2.89
CA ALA A 17 6.36 -3.86 2.57
C ALA A 17 5.30 -4.93 2.31
N ALA A 18 4.14 -4.76 2.93
CA ALA A 18 3.04 -5.69 2.76
C ALA A 18 2.07 -5.23 1.68
N HIS A 19 2.06 -3.93 1.42
CA HIS A 19 1.18 -3.37 0.40
C HIS A 19 1.75 -3.60 -1.00
N THR A 20 3.03 -3.31 -1.19
CA THR A 20 3.69 -3.49 -2.48
C THR A 20 3.35 -4.84 -3.10
N THR A 21 3.04 -5.83 -2.26
CA THR A 21 2.71 -7.17 -2.73
C THR A 21 1.64 -7.12 -3.83
N HIS A 22 0.66 -6.25 -3.65
CA HIS A 22 -0.43 -6.10 -4.62
C HIS A 22 -0.21 -4.87 -5.49
N CYS A 23 0.31 -3.82 -4.88
CA CYS A 23 0.55 -2.57 -5.59
C CYS A 23 1.92 -2.59 -6.26
N PHE A 24 2.27 -1.45 -6.86
CA PHE A 24 3.55 -1.32 -7.55
C PHE A 24 3.91 0.14 -7.79
N LYS A 25 3.46 1.01 -6.88
CA LYS A 25 3.72 2.43 -7.00
C LYS A 25 3.11 3.00 -8.28
N ALA A 1 6.03 3.13 -2.70
CA ALA A 1 5.79 3.10 -1.24
C ALA A 1 4.30 3.21 -0.93
N VAL A 2 3.98 3.44 0.34
CA VAL A 2 2.58 3.57 0.76
C VAL A 2 2.09 5.00 0.57
N TYR A 3 3.00 5.96 0.65
CA TYR A 3 2.66 7.37 0.48
C TYR A 3 2.06 7.61 -0.90
N TYR A 4 2.52 6.84 -1.89
CA TYR A 4 2.03 6.97 -3.25
C TYR A 4 0.99 5.88 -3.56
N CYS A 5 0.32 5.40 -2.52
CA CYS A 5 -0.68 4.36 -2.69
C CYS A 5 -2.04 4.97 -3.00
N ILE A 6 -2.48 4.83 -4.24
CA ILE A 6 -3.76 5.36 -4.67
C ILE A 6 -4.84 4.28 -4.68
N LEU A 7 -4.70 3.32 -3.77
CA LEU A 7 -5.66 2.23 -3.67
C LEU A 7 -6.43 2.31 -2.35
N PRO A 8 -7.69 2.80 -2.40
CA PRO A 8 -8.52 2.92 -1.19
C PRO A 8 -8.96 1.57 -0.64
N LYS A 9 -7.98 0.77 -0.23
CA LYS A 9 -8.26 -0.56 0.32
C LYS A 9 -6.97 -1.26 0.74
N CYS A 10 -6.01 -0.47 1.25
CA CYS A 10 -4.73 -1.02 1.68
C CYS A 10 -4.54 -0.84 3.19
N ALA A 11 -5.24 0.13 3.76
CA ALA A 11 -5.14 0.40 5.20
C ALA A 11 -5.37 -0.86 6.02
N ALA A 12 -4.29 -1.56 6.35
CA ALA A 12 -4.37 -2.78 7.14
C ALA A 12 -3.50 -2.70 8.38
N ALA A 13 -2.26 -2.23 8.20
CA ALA A 13 -1.33 -2.09 9.31
C ALA A 13 -0.32 -0.98 9.03
N ALA A 14 -0.68 -0.04 8.17
CA ALA A 14 0.20 1.07 7.84
C ALA A 14 1.56 0.58 7.35
N ASN A 15 1.57 -0.61 6.75
CA ASN A 15 2.80 -1.20 6.25
C ASN A 15 2.87 -1.11 4.73
N VAL A 16 4.09 -0.95 4.22
CA VAL A 16 4.31 -0.83 2.79
C VAL A 16 4.80 -2.16 2.21
N ALA A 17 5.75 -2.78 2.90
CA ALA A 17 6.31 -4.06 2.46
C ALA A 17 5.21 -5.05 2.14
N ALA A 18 4.06 -4.90 2.79
CA ALA A 18 2.93 -5.78 2.58
C ALA A 18 1.95 -5.19 1.56
N HIS A 19 1.99 -3.88 1.41
CA HIS A 19 1.10 -3.20 0.48
C HIS A 19 1.64 -3.29 -0.95
N THR A 20 2.92 -2.95 -1.14
CA THR A 20 3.55 -3.01 -2.45
C THR A 20 3.21 -4.30 -3.19
N THR A 21 2.93 -5.36 -2.45
CA THR A 21 2.60 -6.66 -3.04
C THR A 21 1.52 -6.51 -4.11
N HIS A 22 0.54 -5.67 -3.83
CA HIS A 22 -0.57 -5.45 -4.77
C HIS A 22 -0.39 -4.14 -5.52
N CYS A 23 0.13 -3.14 -4.82
CA CYS A 23 0.34 -1.83 -5.40
C CYS A 23 1.69 -1.75 -6.11
N PHE A 24 1.65 -1.35 -7.38
CA PHE A 24 2.87 -1.23 -8.17
C PHE A 24 3.39 0.21 -8.18
N LYS A 25 3.30 0.87 -7.03
CA LYS A 25 3.76 2.24 -6.90
C LYS A 25 2.98 3.16 -7.84
N ALA A 1 6.25 4.32 -1.48
CA ALA A 1 6.05 3.49 -0.26
C ALA A 1 4.81 3.95 0.51
N VAL A 2 3.70 3.27 0.29
CA VAL A 2 2.44 3.60 0.96
C VAL A 2 2.19 5.11 0.98
N TYR A 3 2.68 5.79 -0.04
CA TYR A 3 2.51 7.24 -0.15
C TYR A 3 1.82 7.60 -1.46
N TYR A 4 2.28 6.98 -2.55
CA TYR A 4 1.70 7.23 -3.86
C TYR A 4 0.47 6.35 -4.10
N CYS A 5 0.36 5.29 -3.31
CA CYS A 5 -0.78 4.36 -3.42
C CYS A 5 -2.10 5.12 -3.40
N ILE A 6 -2.83 5.05 -4.51
CA ILE A 6 -4.12 5.73 -4.63
C ILE A 6 -5.27 4.77 -4.34
N LEU A 7 -5.04 3.84 -3.43
CA LEU A 7 -6.06 2.86 -3.06
C LEU A 7 -6.17 2.72 -1.55
N PRO A 8 -7.06 3.53 -0.92
CA PRO A 8 -7.26 3.48 0.53
C PRO A 8 -7.93 2.19 1.00
N LYS A 9 -7.24 1.08 0.77
CA LYS A 9 -7.77 -0.23 1.16
C LYS A 9 -6.75 -1.33 0.87
N CYS A 10 -5.47 -1.02 1.08
CA CYS A 10 -4.40 -1.98 0.84
C CYS A 10 -3.96 -2.64 2.14
N ALA A 11 -3.52 -1.81 3.09
CA ALA A 11 -3.07 -2.31 4.38
C ALA A 11 -3.97 -1.82 5.51
N ALA A 12 -3.94 -2.54 6.63
CA ALA A 12 -4.75 -2.18 7.78
C ALA A 12 -3.97 -1.31 8.76
N ALA A 13 -2.66 -1.56 8.84
CA ALA A 13 -1.80 -0.80 9.74
C ALA A 13 -0.88 0.14 8.96
N ALA A 14 -1.36 0.58 7.79
CA ALA A 14 -0.58 1.48 6.94
C ALA A 14 0.76 0.86 6.57
N ASN A 15 0.80 -0.47 6.48
CA ASN A 15 2.02 -1.18 6.13
C ASN A 15 2.23 -1.15 4.62
N VAL A 16 3.50 -1.06 4.23
CA VAL A 16 3.87 -1.01 2.83
C VAL A 16 4.36 -2.37 2.34
N ALA A 17 5.18 -3.02 3.15
CA ALA A 17 5.72 -4.33 2.82
C ALA A 17 4.62 -5.29 2.36
N ALA A 18 3.40 -5.05 2.84
CA ALA A 18 2.27 -5.90 2.50
C ALA A 18 1.46 -5.28 1.35
N HIS A 19 1.59 -3.97 1.17
CA HIS A 19 0.87 -3.28 0.11
C HIS A 19 1.59 -3.42 -1.23
N THR A 20 2.87 -3.08 -1.26
CA THR A 20 3.67 -3.17 -2.48
C THR A 20 3.44 -4.49 -3.22
N THR A 21 3.07 -5.53 -2.48
CA THR A 21 2.83 -6.85 -3.06
C THR A 21 1.89 -6.75 -4.27
N HIS A 22 0.87 -5.90 -4.15
CA HIS A 22 -0.11 -5.73 -5.22
C HIS A 22 0.15 -4.43 -5.98
N CYS A 23 0.57 -3.41 -5.26
CA CYS A 23 0.83 -2.11 -5.84
C CYS A 23 2.25 -2.04 -6.39
N PHE A 24 2.38 -1.47 -7.59
CA PHE A 24 3.69 -1.34 -8.22
C PHE A 24 4.12 0.13 -8.30
N LYS A 25 3.69 0.91 -7.30
CA LYS A 25 4.02 2.32 -7.26
C LYS A 25 3.48 3.05 -8.48
N ALA A 1 6.37 2.33 -2.05
CA ALA A 1 5.96 2.77 -0.69
C ALA A 1 4.45 2.91 -0.58
N VAL A 2 3.99 3.50 0.52
CA VAL A 2 2.57 3.69 0.74
C VAL A 2 2.16 5.15 0.53
N TYR A 3 3.13 6.06 0.68
CA TYR A 3 2.88 7.48 0.51
C TYR A 3 2.30 7.76 -0.87
N TYR A 4 2.65 6.92 -1.84
CA TYR A 4 2.15 7.08 -3.21
C TYR A 4 1.12 6.01 -3.54
N CYS A 5 0.48 5.47 -2.51
CA CYS A 5 -0.54 4.44 -2.70
C CYS A 5 -1.91 5.07 -2.95
N ILE A 6 -2.42 4.90 -4.17
CA ILE A 6 -3.72 5.46 -4.53
C ILE A 6 -4.86 4.64 -3.93
N LEU A 7 -4.62 3.34 -3.78
CA LEU A 7 -5.62 2.44 -3.22
C LEU A 7 -6.01 2.88 -1.79
N PRO A 8 -7.24 3.38 -1.61
CA PRO A 8 -7.71 3.83 -0.29
C PRO A 8 -7.49 2.79 0.80
N LYS A 9 -8.05 1.59 0.58
CA LYS A 9 -7.92 0.51 1.55
C LYS A 9 -7.33 -0.73 0.89
N CYS A 10 -6.02 -0.90 1.00
CA CYS A 10 -5.34 -2.04 0.41
C CYS A 10 -4.72 -2.93 1.50
N ALA A 11 -4.14 -2.30 2.50
CA ALA A 11 -3.52 -3.02 3.60
C ALA A 11 -4.36 -2.92 4.88
N ALA A 12 -3.77 -3.32 6.00
CA ALA A 12 -4.47 -3.29 7.28
C ALA A 12 -4.04 -2.06 8.09
N ALA A 13 -2.79 -2.05 8.53
CA ALA A 13 -2.26 -0.94 9.31
C ALA A 13 -1.43 0.00 8.45
N ALA A 14 -1.78 0.09 7.17
CA ALA A 14 -1.06 0.95 6.24
C ALA A 14 0.41 0.58 6.16
N ASN A 15 0.68 -0.67 5.80
CA ASN A 15 2.05 -1.16 5.69
C ASN A 15 2.68 -0.71 4.37
N VAL A 16 3.98 -0.47 4.41
CA VAL A 16 4.72 -0.03 3.24
C VAL A 16 5.46 -1.18 2.58
N ALA A 17 6.12 -1.99 3.40
CA ALA A 17 6.89 -3.13 2.91
C ALA A 17 5.97 -4.28 2.49
N ALA A 18 4.70 -4.19 2.85
CA ALA A 18 3.72 -5.23 2.50
C ALA A 18 2.55 -4.66 1.70
N HIS A 19 2.71 -3.44 1.20
CA HIS A 19 1.65 -2.82 0.42
C HIS A 19 1.81 -3.13 -1.07
N THR A 20 2.99 -2.85 -1.62
CA THR A 20 3.27 -3.11 -3.03
C THR A 20 2.80 -4.50 -3.45
N THR A 21 2.75 -5.42 -2.51
CA THR A 21 2.32 -6.79 -2.79
C THR A 21 1.00 -6.81 -3.56
N HIS A 22 0.08 -5.93 -3.17
CA HIS A 22 -1.22 -5.84 -3.81
C HIS A 22 -1.29 -4.65 -4.76
N CYS A 23 -0.63 -3.57 -4.37
CA CYS A 23 -0.62 -2.35 -5.16
C CYS A 23 0.49 -2.39 -6.20
N PHE A 24 0.58 -1.31 -6.98
CA PHE A 24 1.60 -1.21 -8.02
C PHE A 24 2.64 -0.15 -7.67
N LYS A 25 2.94 -0.04 -6.37
CA LYS A 25 3.92 0.93 -5.90
C LYS A 25 3.49 2.34 -6.25
N ALA A 1 6.08 2.68 -2.07
CA ALA A 1 5.57 3.03 -0.72
C ALA A 1 4.04 3.09 -0.72
N VAL A 2 3.48 3.51 0.41
CA VAL A 2 2.02 3.61 0.55
C VAL A 2 1.57 5.05 0.38
N TYR A 3 2.44 6.00 0.71
CA TYR A 3 2.13 7.41 0.59
C TYR A 3 1.67 7.75 -0.83
N TYR A 4 2.23 7.04 -1.80
CA TYR A 4 1.89 7.26 -3.20
C TYR A 4 0.71 6.38 -3.60
N CYS A 5 0.51 5.28 -2.89
CA CYS A 5 -0.59 4.36 -3.17
C CYS A 5 -1.92 5.10 -3.22
N ILE A 6 -2.66 4.91 -4.30
CA ILE A 6 -3.96 5.56 -4.48
C ILE A 6 -5.06 4.76 -3.80
N LEU A 7 -4.89 3.44 -3.75
CA LEU A 7 -5.89 2.56 -3.13
C LEU A 7 -6.12 2.95 -1.67
N PRO A 8 -7.39 3.19 -1.28
CA PRO A 8 -7.73 3.56 0.09
C PRO A 8 -7.60 2.40 1.06
N LYS A 9 -8.11 1.23 0.66
CA LYS A 9 -8.04 0.04 1.50
C LYS A 9 -7.00 -0.93 0.98
N CYS A 10 -5.72 -0.61 1.21
CA CYS A 10 -4.62 -1.45 0.76
C CYS A 10 -3.96 -2.15 1.96
N ALA A 11 -3.93 -1.47 3.09
CA ALA A 11 -3.32 -2.03 4.30
C ALA A 11 -4.15 -1.69 5.53
N ALA A 12 -4.07 -2.55 6.54
CA ALA A 12 -4.81 -2.34 7.78
C ALA A 12 -3.88 -1.84 8.89
N ALA A 13 -2.79 -1.20 8.51
CA ALA A 13 -1.83 -0.68 9.49
C ALA A 13 -0.76 0.15 8.80
N ALA A 14 -1.14 0.85 7.73
CA ALA A 14 -0.19 1.69 6.99
C ALA A 14 1.05 0.91 6.57
N ASN A 15 0.88 -0.40 6.41
CA ASN A 15 1.99 -1.27 6.01
C ASN A 15 2.25 -1.18 4.52
N VAL A 16 3.51 -1.02 4.17
CA VAL A 16 3.93 -0.90 2.77
C VAL A 16 4.48 -2.24 2.26
N ALA A 17 5.38 -2.83 3.04
CA ALA A 17 5.99 -4.10 2.68
C ALA A 17 4.92 -5.12 2.26
N ALA A 18 3.73 -4.98 2.80
CA ALA A 18 2.62 -5.87 2.49
C ALA A 18 1.77 -5.32 1.36
N HIS A 19 1.81 -3.99 1.17
CA HIS A 19 1.04 -3.35 0.12
C HIS A 19 1.74 -3.50 -1.23
N THR A 20 3.02 -3.16 -1.27
CA THR A 20 3.80 -3.24 -2.51
C THR A 20 3.57 -4.56 -3.24
N THR A 21 3.21 -5.60 -2.49
CA THR A 21 2.97 -6.92 -3.07
C THR A 21 2.00 -6.83 -4.26
N HIS A 22 1.00 -5.99 -4.14
CA HIS A 22 0.00 -5.81 -5.20
C HIS A 22 0.25 -4.52 -5.97
N CYS A 23 0.68 -3.50 -5.25
CA CYS A 23 0.95 -2.20 -5.84
C CYS A 23 2.37 -2.13 -6.40
N PHE A 24 2.50 -1.64 -7.63
CA PHE A 24 3.80 -1.52 -8.26
C PHE A 24 4.18 -0.05 -8.47
N LYS A 25 3.72 0.80 -7.56
CA LYS A 25 4.01 2.24 -7.65
C LYS A 25 3.46 2.82 -8.95
N ALA A 1 5.45 1.67 -2.15
CA ALA A 1 5.25 2.94 -1.41
C ALA A 1 3.80 3.10 -0.97
N VAL A 2 3.59 3.51 0.27
CA VAL A 2 2.25 3.70 0.81
C VAL A 2 1.82 5.16 0.67
N TYR A 3 2.75 6.08 0.88
CA TYR A 3 2.45 7.50 0.77
C TYR A 3 1.98 7.85 -0.64
N TYR A 4 2.53 7.13 -1.63
CA TYR A 4 2.17 7.35 -3.02
C TYR A 4 0.97 6.51 -3.41
N CYS A 5 0.76 5.40 -2.70
CA CYS A 5 -0.37 4.50 -2.97
C CYS A 5 -1.68 5.27 -3.00
N ILE A 6 -2.36 5.23 -4.15
CA ILE A 6 -3.63 5.92 -4.32
C ILE A 6 -4.80 4.98 -4.09
N LEU A 7 -4.62 4.04 -3.16
CA LEU A 7 -5.67 3.07 -2.85
C LEU A 7 -5.87 2.95 -1.34
N PRO A 8 -6.83 3.70 -0.78
CA PRO A 8 -7.10 3.67 0.66
C PRO A 8 -7.93 2.46 1.08
N LYS A 9 -7.45 1.27 0.72
CA LYS A 9 -8.14 0.03 1.04
C LYS A 9 -7.40 -1.18 0.49
N CYS A 10 -6.07 -1.13 0.54
CA CYS A 10 -5.25 -2.22 0.04
C CYS A 10 -4.54 -2.93 1.18
N ALA A 11 -4.04 -2.16 2.14
CA ALA A 11 -3.34 -2.71 3.29
C ALA A 11 -4.26 -2.77 4.51
N ALA A 12 -3.67 -2.99 5.69
CA ALA A 12 -4.43 -3.07 6.93
C ALA A 12 -3.90 -2.09 7.96
N ALA A 13 -2.58 -2.02 8.09
CA ALA A 13 -1.95 -1.13 9.05
C ALA A 13 -1.15 -0.03 8.35
N ALA A 14 -1.57 0.32 7.13
CA ALA A 14 -0.89 1.34 6.36
C ALA A 14 0.59 1.01 6.17
N ASN A 15 0.89 -0.27 6.02
CA ASN A 15 2.26 -0.73 5.82
C ASN A 15 2.71 -0.52 4.39
N VAL A 16 4.01 -0.37 4.21
CA VAL A 16 4.58 -0.15 2.89
C VAL A 16 5.18 -1.44 2.32
N ALA A 17 5.92 -2.15 3.17
CA ALA A 17 6.54 -3.40 2.76
C ALA A 17 5.50 -4.47 2.45
N ALA A 18 4.33 -4.33 3.05
CA ALA A 18 3.24 -5.30 2.84
C ALA A 18 2.20 -4.76 1.86
N HIS A 19 2.37 -3.52 1.41
CA HIS A 19 1.42 -2.93 0.48
C HIS A 19 1.78 -3.30 -0.96
N THR A 20 3.03 -3.06 -1.35
CA THR A 20 3.49 -3.37 -2.70
C THR A 20 3.05 -4.76 -3.15
N THR A 21 2.85 -5.66 -2.18
CA THR A 21 2.44 -7.03 -2.46
C THR A 21 1.21 -7.05 -3.38
N HIS A 22 0.28 -6.15 -3.14
CA HIS A 22 -0.94 -6.07 -3.95
C HIS A 22 -0.88 -4.91 -4.93
N CYS A 23 -0.21 -3.85 -4.51
CA CYS A 23 -0.09 -2.65 -5.33
C CYS A 23 1.16 -2.72 -6.22
N PHE A 24 1.38 -1.66 -6.99
CA PHE A 24 2.54 -1.60 -7.87
C PHE A 24 2.93 -0.16 -8.16
N LYS A 25 2.76 0.70 -7.16
CA LYS A 25 3.10 2.12 -7.30
C LYS A 25 2.27 2.76 -8.41
N ALA A 1 5.97 2.67 -2.12
CA ALA A 1 5.53 3.07 -0.77
C ALA A 1 4.00 3.09 -0.67
N VAL A 2 3.49 3.49 0.48
CA VAL A 2 2.05 3.56 0.70
C VAL A 2 1.55 4.98 0.54
N TYR A 3 2.40 5.95 0.85
CA TYR A 3 2.03 7.36 0.74
C TYR A 3 1.56 7.69 -0.68
N TYR A 4 2.13 6.99 -1.65
CA TYR A 4 1.76 7.19 -3.05
C TYR A 4 0.59 6.30 -3.43
N CYS A 5 0.42 5.20 -2.71
CA CYS A 5 -0.66 4.26 -2.98
C CYS A 5 -2.01 4.98 -2.97
N ILE A 6 -2.66 5.01 -4.13
CA ILE A 6 -3.95 5.67 -4.26
C ILE A 6 -5.09 4.66 -4.17
N LEU A 7 -4.91 3.64 -3.34
CA LEU A 7 -5.93 2.61 -3.15
C LEU A 7 -6.71 2.84 -1.86
N PRO A 8 -8.04 2.62 -1.89
CA PRO A 8 -8.89 2.80 -0.71
C PRO A 8 -8.64 1.75 0.36
N LYS A 9 -7.80 2.09 1.33
CA LYS A 9 -7.48 1.16 2.41
C LYS A 9 -6.84 -0.11 1.87
N CYS A 10 -5.62 0.01 1.36
CA CYS A 10 -4.90 -1.14 0.81
C CYS A 10 -4.71 -2.22 1.86
N ALA A 11 -3.87 -1.95 2.84
CA ALA A 11 -3.60 -2.91 3.91
C ALA A 11 -4.27 -2.48 5.21
N ALA A 12 -4.41 -1.16 5.39
CA ALA A 12 -5.04 -0.62 6.59
C ALA A 12 -4.23 -0.96 7.83
N ALA A 13 -2.90 -0.98 7.68
CA ALA A 13 -2.01 -1.28 8.79
C ALA A 13 -0.71 -0.48 8.70
N ALA A 14 -0.74 0.61 7.94
CA ALA A 14 0.44 1.45 7.78
C ALA A 14 1.65 0.64 7.33
N ASN A 15 1.40 -0.47 6.65
CA ASN A 15 2.46 -1.33 6.17
C ASN A 15 2.62 -1.23 4.66
N VAL A 16 3.85 -1.03 4.23
CA VAL A 16 4.17 -0.90 2.83
C VAL A 16 4.72 -2.20 2.26
N ALA A 17 5.67 -2.80 2.98
CA ALA A 17 6.28 -4.06 2.55
C ALA A 17 5.21 -5.09 2.18
N ALA A 18 4.04 -4.97 2.80
CA ALA A 18 2.94 -5.88 2.55
C ALA A 18 2.03 -5.34 1.45
N HIS A 19 2.04 -4.03 1.26
CA HIS A 19 1.22 -3.40 0.24
C HIS A 19 1.85 -3.55 -1.15
N THR A 20 3.13 -3.20 -1.26
CA THR A 20 3.84 -3.29 -2.53
C THR A 20 3.59 -4.62 -3.23
N THR A 21 3.29 -5.66 -2.46
CA THR A 21 3.03 -6.98 -3.02
C THR A 21 2.02 -6.91 -4.16
N HIS A 22 1.00 -6.08 -4.00
CA HIS A 22 -0.04 -5.93 -5.01
C HIS A 22 0.16 -4.65 -5.80
N CYS A 23 0.61 -3.61 -5.12
CA CYS A 23 0.83 -2.32 -5.74
C CYS A 23 2.21 -2.24 -6.37
N PHE A 24 2.28 -1.76 -7.60
CA PHE A 24 3.54 -1.62 -8.31
C PHE A 24 4.00 -0.18 -8.36
N LYS A 25 3.66 0.58 -7.31
CA LYS A 25 4.02 1.99 -7.24
C LYS A 25 3.42 2.77 -8.39
N ALA A 1 6.19 2.55 -2.42
CA ALA A 1 5.91 3.09 -1.06
C ALA A 1 4.41 3.08 -0.77
N VAL A 2 4.04 3.62 0.39
CA VAL A 2 2.63 3.67 0.78
C VAL A 2 2.08 5.09 0.64
N TYR A 3 2.94 6.07 0.89
CA TYR A 3 2.53 7.47 0.78
C TYR A 3 2.05 7.80 -0.63
N TYR A 4 2.62 7.11 -1.61
CA TYR A 4 2.25 7.32 -3.01
C TYR A 4 1.02 6.49 -3.36
N CYS A 5 0.81 5.39 -2.64
CA CYS A 5 -0.33 4.51 -2.88
C CYS A 5 -1.64 5.30 -2.86
N ILE A 6 -2.49 5.05 -3.87
CA ILE A 6 -3.77 5.74 -3.97
C ILE A 6 -4.89 4.90 -3.38
N LEU A 7 -4.80 3.59 -3.57
CA LEU A 7 -5.80 2.66 -3.06
C LEU A 7 -6.00 2.84 -1.55
N PRO A 8 -7.15 3.42 -1.13
CA PRO A 8 -7.45 3.65 0.28
C PRO A 8 -8.11 2.44 0.94
N LYS A 9 -7.58 1.26 0.67
CA LYS A 9 -8.12 0.03 1.25
C LYS A 9 -7.37 -1.20 0.72
N CYS A 10 -6.06 -1.07 0.59
CA CYS A 10 -5.24 -2.16 0.09
C CYS A 10 -4.55 -2.89 1.24
N ALA A 11 -4.08 -2.13 2.22
CA ALA A 11 -3.40 -2.70 3.38
C ALA A 11 -4.30 -2.69 4.60
N ALA A 12 -3.72 -2.96 5.77
CA ALA A 12 -4.48 -2.98 7.01
C ALA A 12 -4.01 -1.87 7.96
N ALA A 13 -2.73 -1.88 8.28
CA ALA A 13 -2.15 -0.87 9.17
C ALA A 13 -1.30 0.13 8.40
N ALA A 14 -1.66 0.36 7.15
CA ALA A 14 -0.93 1.30 6.30
C ALA A 14 0.53 0.88 6.15
N ASN A 15 0.74 -0.40 5.86
CA ASN A 15 2.09 -0.94 5.69
C ASN A 15 2.63 -0.61 4.31
N VAL A 16 3.94 -0.43 4.24
CA VAL A 16 4.61 -0.09 3.00
C VAL A 16 5.25 -1.32 2.36
N ALA A 17 5.94 -2.11 3.17
CA ALA A 17 6.60 -3.31 2.70
C ALA A 17 5.59 -4.40 2.35
N ALA A 18 4.42 -4.34 2.97
CA ALA A 18 3.37 -5.33 2.73
C ALA A 18 2.29 -4.77 1.79
N HIS A 19 2.48 -3.56 1.30
CA HIS A 19 1.51 -2.94 0.41
C HIS A 19 1.79 -3.32 -1.05
N THR A 20 3.03 -3.09 -1.49
CA THR A 20 3.41 -3.39 -2.86
C THR A 20 2.95 -4.79 -3.28
N THR A 21 2.79 -5.68 -2.31
CA THR A 21 2.34 -7.04 -2.58
C THR A 21 1.08 -7.06 -3.45
N HIS A 22 0.17 -6.14 -3.17
CA HIS A 22 -1.08 -6.05 -3.92
C HIS A 22 -1.04 -4.89 -4.91
N CYS A 23 -0.37 -3.82 -4.51
CA CYS A 23 -0.26 -2.64 -5.33
C CYS A 23 0.93 -2.71 -6.26
N PHE A 24 1.16 -1.65 -7.02
CA PHE A 24 2.27 -1.61 -7.97
C PHE A 24 2.83 -0.19 -8.07
N LYS A 25 2.77 0.55 -6.97
CA LYS A 25 3.27 1.92 -6.93
C LYS A 25 2.54 2.80 -7.94
N ALA A 1 6.72 4.07 -1.48
CA ALA A 1 6.41 3.30 -0.25
C ALA A 1 5.13 3.81 0.41
N VAL A 2 4.03 3.11 0.17
CA VAL A 2 2.72 3.48 0.72
C VAL A 2 2.47 4.98 0.60
N TYR A 3 3.03 5.59 -0.45
CA TYR A 3 2.87 7.01 -0.68
C TYR A 3 2.04 7.25 -1.93
N TYR A 4 2.34 6.53 -3.00
CA TYR A 4 1.62 6.66 -4.26
C TYR A 4 0.51 5.63 -4.36
N CYS A 5 0.16 5.01 -3.24
CA CYS A 5 -0.89 4.00 -3.20
C CYS A 5 -2.24 4.62 -3.57
N ILE A 6 -2.69 5.57 -2.75
CA ILE A 6 -3.96 6.25 -2.98
C ILE A 6 -5.06 5.28 -3.41
N LEU A 7 -4.96 4.05 -2.93
CA LEU A 7 -5.95 3.03 -3.26
C LEU A 7 -6.98 2.88 -2.13
N PRO A 8 -8.27 2.73 -2.48
CA PRO A 8 -9.34 2.58 -1.49
C PRO A 8 -9.06 1.45 -0.50
N LYS A 9 -8.41 1.79 0.60
CA LYS A 9 -8.07 0.80 1.62
C LYS A 9 -7.14 -0.27 1.06
N CYS A 10 -5.94 -0.35 1.64
CA CYS A 10 -4.95 -1.33 1.20
C CYS A 10 -4.47 -2.18 2.36
N ALA A 11 -3.66 -1.58 3.23
CA ALA A 11 -3.13 -2.29 4.39
C ALA A 11 -3.94 -1.97 5.65
N ALA A 12 -3.93 -2.90 6.61
CA ALA A 12 -4.66 -2.73 7.85
C ALA A 12 -3.75 -2.18 8.95
N ALA A 13 -2.66 -1.54 8.56
CA ALA A 13 -1.72 -0.98 9.52
C ALA A 13 -0.69 -0.08 8.83
N ALA A 14 -1.12 0.59 7.77
CA ALA A 14 -0.25 1.49 7.02
C ALA A 14 1.06 0.80 6.64
N ASN A 15 1.01 -0.52 6.52
CA ASN A 15 2.19 -1.30 6.16
C ASN A 15 2.45 -1.24 4.66
N VAL A 16 3.72 -1.13 4.29
CA VAL A 16 4.12 -1.06 2.90
C VAL A 16 4.63 -2.40 2.39
N ALA A 17 5.45 -3.06 3.20
CA ALA A 17 6.00 -4.36 2.84
C ALA A 17 4.92 -5.33 2.39
N ALA A 18 3.71 -5.11 2.87
CA ALA A 18 2.57 -5.96 2.52
C ALA A 18 1.71 -5.31 1.43
N HIS A 19 1.82 -3.99 1.31
CA HIS A 19 1.04 -3.26 0.32
C HIS A 19 1.71 -3.31 -1.05
N THR A 20 2.97 -2.90 -1.12
CA THR A 20 3.72 -2.89 -2.38
C THR A 20 3.52 -4.19 -3.17
N THR A 21 3.24 -5.28 -2.46
CA THR A 21 3.04 -6.58 -3.09
C THR A 21 2.04 -6.48 -4.25
N HIS A 22 1.00 -5.70 -4.05
CA HIS A 22 -0.03 -5.52 -5.08
C HIS A 22 0.11 -4.18 -5.78
N CYS A 23 0.52 -3.18 -5.02
CA CYS A 23 0.68 -1.84 -5.55
C CYS A 23 2.06 -1.65 -6.17
N PHE A 24 2.11 -0.94 -7.29
CA PHE A 24 3.37 -0.69 -7.98
C PHE A 24 3.75 0.80 -7.89
N LYS A 25 3.35 1.44 -6.80
CA LYS A 25 3.65 2.85 -6.59
C LYS A 25 3.02 3.71 -7.68
N ALA A 1 6.61 2.45 -2.02
CA ALA A 1 6.17 2.85 -0.66
C ALA A 1 4.65 2.95 -0.57
N VAL A 2 4.16 3.51 0.52
CA VAL A 2 2.72 3.67 0.73
C VAL A 2 2.28 5.09 0.42
N TYR A 3 3.20 6.04 0.51
CA TYR A 3 2.90 7.45 0.24
C TYR A 3 2.32 7.60 -1.17
N TYR A 4 2.75 6.73 -2.08
CA TYR A 4 2.27 6.77 -3.47
C TYR A 4 1.19 5.73 -3.70
N CYS A 5 0.49 5.36 -2.63
CA CYS A 5 -0.57 4.36 -2.72
C CYS A 5 -1.91 5.02 -3.04
N ILE A 6 -2.44 4.73 -4.23
CA ILE A 6 -3.72 5.29 -4.66
C ILE A 6 -4.86 4.33 -4.39
N LEU A 7 -4.77 3.60 -3.29
CA LEU A 7 -5.78 2.62 -2.92
C LEU A 7 -6.04 2.67 -1.42
N PRO A 8 -7.02 3.48 -0.98
CA PRO A 8 -7.36 3.62 0.44
C PRO A 8 -8.15 2.42 0.96
N LYS A 9 -7.61 1.22 0.78
CA LYS A 9 -8.26 -0.01 1.23
C LYS A 9 -7.49 -1.23 0.76
N CYS A 10 -6.17 -1.14 0.79
CA CYS A 10 -5.31 -2.25 0.38
C CYS A 10 -4.66 -2.93 1.58
N ALA A 11 -4.23 -2.12 2.55
CA ALA A 11 -3.59 -2.64 3.75
C ALA A 11 -4.53 -2.56 4.95
N ALA A 12 -4.02 -2.93 6.11
CA ALA A 12 -4.81 -2.89 7.34
C ALA A 12 -4.22 -1.91 8.35
N ALA A 13 -2.90 -1.86 8.42
CA ALA A 13 -2.21 -0.96 9.35
C ALA A 13 -1.29 0.00 8.60
N ALA A 14 -1.65 0.32 7.36
CA ALA A 14 -0.85 1.23 6.55
C ALA A 14 0.57 0.71 6.38
N ASN A 15 0.70 -0.55 5.97
CA ASN A 15 2.00 -1.16 5.77
C ASN A 15 2.60 -0.75 4.44
N VAL A 16 3.91 -0.58 4.42
CA VAL A 16 4.62 -0.16 3.22
C VAL A 16 5.29 -1.36 2.54
N ALA A 17 5.92 -2.20 3.33
CA ALA A 17 6.61 -3.38 2.81
C ALA A 17 5.61 -4.45 2.36
N ALA A 18 4.40 -4.39 2.90
CA ALA A 18 3.36 -5.36 2.56
C ALA A 18 2.27 -4.73 1.70
N HIS A 19 2.50 -3.52 1.22
CA HIS A 19 1.52 -2.83 0.40
C HIS A 19 1.80 -3.07 -1.09
N THR A 20 3.01 -2.73 -1.53
CA THR A 20 3.38 -2.90 -2.94
C THR A 20 2.97 -4.28 -3.47
N THR A 21 2.87 -5.25 -2.58
CA THR A 21 2.49 -6.60 -2.96
C THR A 21 1.22 -6.61 -3.82
N HIS A 22 0.26 -5.76 -3.45
CA HIS A 22 -1.00 -5.66 -4.19
C HIS A 22 -1.04 -4.41 -5.04
N CYS A 23 -0.41 -3.35 -4.56
CA CYS A 23 -0.38 -2.08 -5.25
C CYS A 23 0.79 -2.01 -6.22
N PHE A 24 0.88 -0.90 -6.95
CA PHE A 24 1.96 -0.70 -7.91
C PHE A 24 2.41 0.76 -7.93
N LYS A 25 2.35 1.40 -6.78
CA LYS A 25 2.75 2.80 -6.66
C LYS A 25 1.89 3.69 -7.56
N ALA A 1 7.40 4.01 -0.98
CA ALA A 1 6.91 3.41 0.30
C ALA A 1 5.55 3.96 0.68
N VAL A 2 4.49 3.23 0.30
CA VAL A 2 3.13 3.65 0.60
C VAL A 2 2.91 5.14 0.34
N TYR A 3 3.64 5.67 -0.63
CA TYR A 3 3.53 7.09 -0.99
C TYR A 3 2.58 7.27 -2.16
N TYR A 4 2.68 6.38 -3.14
CA TYR A 4 1.81 6.45 -4.31
C TYR A 4 0.64 5.47 -4.18
N CYS A 5 0.28 5.15 -2.93
CA CYS A 5 -0.82 4.23 -2.66
C CYS A 5 -2.15 4.95 -2.77
N ILE A 6 -2.81 4.82 -3.93
CA ILE A 6 -4.09 5.45 -4.16
C ILE A 6 -5.24 4.48 -3.90
N LEU A 7 -5.06 3.61 -2.91
CA LEU A 7 -6.08 2.63 -2.57
C LEU A 7 -6.75 2.97 -1.23
N PRO A 8 -8.07 3.21 -1.23
CA PRO A 8 -8.80 3.55 -0.01
C PRO A 8 -8.56 2.55 1.12
N LYS A 9 -8.26 1.32 0.75
CA LYS A 9 -7.99 0.26 1.73
C LYS A 9 -7.40 -0.96 1.06
N CYS A 10 -6.08 -0.98 0.92
CA CYS A 10 -5.38 -2.10 0.30
C CYS A 10 -4.87 -3.08 1.34
N ALA A 11 -4.34 -2.54 2.44
CA ALA A 11 -3.82 -3.36 3.52
C ALA A 11 -4.52 -3.05 4.84
N ALA A 12 -4.75 -1.77 5.09
CA ALA A 12 -5.40 -1.33 6.32
C ALA A 12 -4.54 -1.62 7.54
N ALA A 13 -3.23 -1.61 7.35
CA ALA A 13 -2.29 -1.86 8.43
C ALA A 13 -1.09 -0.92 8.37
N ALA A 14 -1.21 0.14 7.58
CA ALA A 14 -0.13 1.12 7.45
C ALA A 14 1.19 0.44 7.10
N ASN A 15 1.11 -0.73 6.47
CA ASN A 15 2.30 -1.48 6.08
C ASN A 15 2.82 -1.00 4.74
N VAL A 16 4.14 -0.81 4.66
CA VAL A 16 4.77 -0.35 3.45
C VAL A 16 5.41 -1.50 2.67
N ALA A 17 6.10 -2.38 3.39
CA ALA A 17 6.75 -3.52 2.78
C ALA A 17 5.75 -4.56 2.32
N ALA A 18 4.58 -4.57 2.95
CA ALA A 18 3.53 -5.53 2.62
C ALA A 18 2.42 -4.87 1.79
N HIS A 19 2.62 -3.61 1.41
CA HIS A 19 1.62 -2.89 0.62
C HIS A 19 1.86 -3.07 -0.88
N THR A 20 3.07 -2.75 -1.32
CA THR A 20 3.43 -2.86 -2.73
C THR A 20 2.99 -4.21 -3.33
N THR A 21 2.88 -5.22 -2.47
CA THR A 21 2.47 -6.55 -2.90
C THR A 21 1.20 -6.49 -3.75
N HIS A 22 0.27 -5.65 -3.35
CA HIS A 22 -1.00 -5.50 -4.07
C HIS A 22 -1.02 -4.21 -4.88
N CYS A 23 -0.40 -3.18 -4.35
CA CYS A 23 -0.34 -1.89 -5.01
C CYS A 23 0.83 -1.82 -5.98
N PHE A 24 0.96 -0.69 -6.67
CA PHE A 24 2.03 -0.49 -7.63
C PHE A 24 2.30 0.99 -7.85
N LYS A 25 2.11 1.78 -6.80
CA LYS A 25 2.35 3.22 -6.88
C LYS A 25 1.45 3.86 -7.95
N ALA A 1 6.88 4.07 -1.42
CA ALA A 1 6.67 3.52 -0.06
C ALA A 1 5.38 4.04 0.56
N VAL A 2 4.29 3.34 0.31
CA VAL A 2 2.97 3.72 0.84
C VAL A 2 2.72 5.23 0.68
N TYR A 3 3.31 5.81 -0.36
CA TYR A 3 3.15 7.23 -0.63
C TYR A 3 2.17 7.47 -1.77
N TYR A 4 2.32 6.68 -2.84
CA TYR A 4 1.45 6.79 -4.00
C TYR A 4 0.36 5.72 -3.95
N CYS A 5 0.05 5.23 -2.76
CA CYS A 5 -0.97 4.21 -2.57
C CYS A 5 -2.36 4.82 -2.76
N ILE A 6 -2.76 5.00 -4.01
CA ILE A 6 -4.07 5.56 -4.33
C ILE A 6 -5.19 4.69 -3.78
N LEU A 7 -4.93 3.39 -3.69
CA LEU A 7 -5.92 2.44 -3.19
C LEU A 7 -6.37 2.82 -1.78
N PRO A 8 -7.62 3.30 -1.63
CA PRO A 8 -8.16 3.69 -0.32
C PRO A 8 -7.99 2.60 0.73
N LYS A 9 -8.35 1.38 0.37
CA LYS A 9 -8.25 0.25 1.29
C LYS A 9 -7.60 -0.95 0.60
N CYS A 10 -6.29 -1.11 0.80
CA CYS A 10 -5.55 -2.21 0.20
C CYS A 10 -5.05 -3.17 1.28
N ALA A 11 -4.58 -2.63 2.38
CA ALA A 11 -4.07 -3.42 3.49
C ALA A 11 -4.57 -2.91 4.83
N ALA A 12 -4.47 -1.59 5.02
CA ALA A 12 -4.93 -0.96 6.26
C ALA A 12 -4.12 -1.45 7.46
N ALA A 13 -2.80 -1.48 7.30
CA ALA A 13 -1.91 -1.93 8.36
C ALA A 13 -0.69 -1.02 8.51
N ALA A 14 -0.75 0.15 7.87
CA ALA A 14 0.35 1.11 7.92
C ALA A 14 1.68 0.46 7.54
N ASN A 15 1.60 -0.61 6.76
CA ASN A 15 2.81 -1.32 6.32
C ASN A 15 3.09 -1.04 4.85
N VAL A 16 4.36 -0.92 4.54
CA VAL A 16 4.79 -0.64 3.17
C VAL A 16 5.27 -1.90 2.47
N ALA A 17 6.08 -2.69 3.16
CA ALA A 17 6.61 -3.93 2.60
C ALA A 17 5.49 -4.90 2.28
N ALA A 18 4.37 -4.77 2.98
CA ALA A 18 3.22 -5.64 2.76
C ALA A 18 2.17 -4.97 1.87
N HIS A 19 2.32 -3.68 1.61
CA HIS A 19 1.37 -2.95 0.79
C HIS A 19 1.71 -3.12 -0.70
N THR A 20 2.93 -2.78 -1.08
CA THR A 20 3.37 -2.88 -2.47
C THR A 20 2.97 -4.22 -3.09
N THR A 21 2.83 -5.24 -2.26
CA THR A 21 2.45 -6.58 -2.74
C THR A 21 1.23 -6.51 -3.65
N HIS A 22 0.27 -5.68 -3.28
CA HIS A 22 -0.95 -5.52 -4.07
C HIS A 22 -0.94 -4.23 -4.87
N CYS A 23 -0.36 -3.20 -4.29
CA CYS A 23 -0.28 -1.91 -4.92
C CYS A 23 0.93 -1.81 -5.84
N PHE A 24 0.69 -1.44 -7.10
CA PHE A 24 1.77 -1.31 -8.08
C PHE A 24 2.22 0.14 -8.20
N LYS A 25 2.28 0.83 -7.07
CA LYS A 25 2.69 2.23 -7.05
C LYS A 25 1.76 3.09 -7.90
N ALA A 1 4.77 2.73 -2.89
CA ALA A 1 4.83 2.82 -1.42
C ALA A 1 3.46 3.14 -0.82
N VAL A 2 3.44 3.49 0.46
CA VAL A 2 2.20 3.81 1.14
C VAL A 2 1.93 5.32 1.11
N TYR A 3 3.01 6.10 1.06
CA TYR A 3 2.89 7.55 1.02
C TYR A 3 2.08 8.00 -0.19
N TYR A 4 2.14 7.23 -1.26
CA TYR A 4 1.41 7.55 -2.48
C TYR A 4 0.54 6.38 -2.91
N CYS A 5 0.20 5.50 -1.97
CA CYS A 5 -0.64 4.35 -2.27
C CYS A 5 -2.01 4.79 -2.76
N ILE A 6 -2.15 4.90 -4.08
CA ILE A 6 -3.41 5.33 -4.69
C ILE A 6 -4.56 4.41 -4.27
N LEU A 7 -4.31 3.11 -4.28
CA LEU A 7 -5.33 2.13 -3.91
C LEU A 7 -5.93 2.45 -2.54
N PRO A 8 -7.18 2.93 -2.50
CA PRO A 8 -7.86 3.27 -1.25
C PRO A 8 -8.24 2.04 -0.43
N LYS A 9 -7.69 1.95 0.77
CA LYS A 9 -7.97 0.81 1.65
C LYS A 9 -7.55 -0.50 1.00
N CYS A 10 -6.26 -0.66 0.77
CA CYS A 10 -5.74 -1.87 0.15
C CYS A 10 -5.38 -2.92 1.21
N ALA A 11 -4.99 -2.44 2.39
CA ALA A 11 -4.63 -3.32 3.49
C ALA A 11 -4.84 -2.64 4.83
N ALA A 12 -4.38 -1.39 4.94
CA ALA A 12 -4.53 -0.62 6.17
C ALA A 12 -3.76 -1.27 7.32
N ALA A 13 -2.43 -1.28 7.19
CA ALA A 13 -1.58 -1.87 8.23
C ALA A 13 -0.33 -1.02 8.47
N ALA A 14 -0.35 0.22 7.98
CA ALA A 14 0.77 1.13 8.15
C ALA A 14 2.08 0.51 7.66
N ASN A 15 1.97 -0.47 6.77
CA ASN A 15 3.14 -1.13 6.22
C ASN A 15 3.26 -0.91 4.72
N VAL A 16 4.49 -0.71 4.27
CA VAL A 16 4.76 -0.47 2.86
C VAL A 16 5.25 -1.74 2.17
N ALA A 17 6.20 -2.42 2.82
CA ALA A 17 6.75 -3.65 2.27
C ALA A 17 5.67 -4.70 2.05
N ALA A 18 4.63 -4.63 2.86
CA ALA A 18 3.52 -5.57 2.75
C ALA A 18 2.40 -5.03 1.85
N HIS A 19 2.41 -3.72 1.62
CA HIS A 19 1.40 -3.09 0.78
C HIS A 19 1.71 -3.32 -0.71
N THR A 20 2.95 -3.02 -1.11
CA THR A 20 3.36 -3.17 -2.50
C THR A 20 2.93 -4.53 -3.07
N THR A 21 2.79 -5.53 -2.19
CA THR A 21 2.38 -6.86 -2.61
C THR A 21 1.14 -6.82 -3.49
N HIS A 22 0.19 -5.96 -3.13
CA HIS A 22 -1.05 -5.82 -3.88
C HIS A 22 -1.03 -4.58 -4.76
N CYS A 23 -0.41 -3.52 -4.25
CA CYS A 23 -0.33 -2.26 -4.96
C CYS A 23 0.88 -2.24 -5.90
N PHE A 24 0.98 -1.18 -6.69
CA PHE A 24 2.08 -1.03 -7.63
C PHE A 24 2.57 0.41 -7.68
N LYS A 25 2.74 1.01 -6.51
CA LYS A 25 3.21 2.39 -6.42
C LYS A 25 2.24 3.34 -7.11
N ALA A 1 6.82 3.90 -1.26
CA ALA A 1 6.67 3.36 0.12
C ALA A 1 5.39 3.87 0.76
N VAL A 2 4.27 3.24 0.44
CA VAL A 2 2.97 3.62 0.99
C VAL A 2 2.78 5.14 0.99
N TYR A 3 3.40 5.80 0.01
CA TYR A 3 3.29 7.25 -0.11
C TYR A 3 2.39 7.63 -1.28
N TYR A 4 2.77 7.19 -2.48
CA TYR A 4 2.00 7.46 -3.69
C TYR A 4 0.74 6.61 -3.73
N CYS A 5 0.73 5.53 -2.94
CA CYS A 5 -0.42 4.63 -2.88
C CYS A 5 -1.72 5.40 -2.65
N ILE A 6 -2.72 5.12 -3.47
CA ILE A 6 -4.02 5.79 -3.36
C ILE A 6 -5.16 4.81 -3.56
N LEU A 7 -4.92 3.55 -3.21
CA LEU A 7 -5.94 2.51 -3.35
C LEU A 7 -6.89 2.51 -2.16
N PRO A 8 -8.21 2.37 -2.41
CA PRO A 8 -9.22 2.35 -1.34
C PRO A 8 -8.93 1.29 -0.28
N LYS A 9 -8.10 1.65 0.70
CA LYS A 9 -7.75 0.74 1.77
C LYS A 9 -7.17 -0.56 1.22
N CYS A 10 -5.89 -0.55 0.91
CA CYS A 10 -5.22 -1.73 0.37
C CYS A 10 -4.62 -2.59 1.51
N ALA A 11 -4.05 -1.92 2.50
CA ALA A 11 -3.46 -2.62 3.63
C ALA A 11 -4.36 -2.54 4.86
N ALA A 12 -3.81 -2.90 6.02
CA ALA A 12 -4.56 -2.87 7.26
C ALA A 12 -4.03 -1.80 8.21
N ALA A 13 -2.71 -1.76 8.36
CA ALA A 13 -2.08 -0.78 9.24
C ALA A 13 -1.11 0.12 8.46
N ALA A 14 -1.43 0.36 7.19
CA ALA A 14 -0.59 1.19 6.35
C ALA A 14 0.82 0.63 6.23
N ASN A 15 0.91 -0.64 5.84
CA ASN A 15 2.20 -1.31 5.69
C ASN A 15 2.86 -0.92 4.37
N VAL A 16 4.18 -0.82 4.40
CA VAL A 16 4.94 -0.46 3.22
C VAL A 16 5.55 -1.68 2.55
N ALA A 17 6.11 -2.57 3.36
CA ALA A 17 6.74 -3.79 2.86
C ALA A 17 5.69 -4.81 2.43
N ALA A 18 4.46 -4.64 2.90
CA ALA A 18 3.37 -5.56 2.56
C ALA A 18 2.30 -4.87 1.73
N HIS A 19 2.58 -3.67 1.23
CA HIS A 19 1.62 -2.94 0.42
C HIS A 19 1.81 -3.26 -1.07
N THR A 20 3.03 -3.06 -1.57
CA THR A 20 3.33 -3.32 -2.98
C THR A 20 2.78 -4.67 -3.43
N THR A 21 2.64 -5.60 -2.49
CA THR A 21 2.13 -6.93 -2.80
C THR A 21 0.83 -6.86 -3.61
N HIS A 22 -0.03 -5.91 -3.24
CA HIS A 22 -1.31 -5.74 -3.92
C HIS A 22 -1.27 -4.54 -4.84
N CYS A 23 -0.56 -3.51 -4.43
CA CYS A 23 -0.44 -2.28 -5.20
C CYS A 23 0.69 -2.37 -6.21
N PHE A 24 0.88 -1.31 -6.98
CA PHE A 24 1.93 -1.27 -8.00
C PHE A 24 2.47 0.15 -8.15
N LYS A 25 2.47 0.90 -7.06
CA LYS A 25 2.97 2.27 -7.07
C LYS A 25 2.15 3.14 -8.03
N ALA A 1 6.97 3.74 -0.33
CA ALA A 1 6.49 3.36 1.02
C ALA A 1 5.07 3.89 1.27
N VAL A 2 4.08 3.13 0.80
CA VAL A 2 2.67 3.51 0.96
C VAL A 2 2.45 4.98 0.64
N TYR A 3 3.27 5.53 -0.26
CA TYR A 3 3.16 6.93 -0.65
C TYR A 3 2.20 7.08 -1.83
N TYR A 4 2.34 6.20 -2.82
CA TYR A 4 1.49 6.22 -4.00
C TYR A 4 0.36 5.21 -3.88
N CYS A 5 -0.01 4.89 -2.64
CA CYS A 5 -1.08 3.93 -2.38
C CYS A 5 -2.44 4.53 -2.69
N ILE A 6 -2.68 4.80 -3.98
CA ILE A 6 -3.94 5.39 -4.41
C ILE A 6 -5.12 4.48 -4.08
N LEU A 7 -4.84 3.19 -3.91
CA LEU A 7 -5.89 2.21 -3.60
C LEU A 7 -6.66 2.64 -2.35
N PRO A 8 -8.00 2.47 -2.36
CA PRO A 8 -8.85 2.84 -1.23
C PRO A 8 -8.74 1.84 -0.08
N LYS A 9 -7.78 2.06 0.80
CA LYS A 9 -7.57 1.17 1.94
C LYS A 9 -7.29 -0.26 1.49
N CYS A 10 -6.18 -0.45 0.81
CA CYS A 10 -5.79 -1.76 0.32
C CYS A 10 -5.62 -2.75 1.47
N ALA A 11 -5.04 -2.27 2.57
CA ALA A 11 -4.81 -3.12 3.75
C ALA A 11 -5.04 -2.33 5.03
N ALA A 12 -4.46 -1.14 5.09
CA ALA A 12 -4.60 -0.27 6.26
C ALA A 12 -3.99 -0.94 7.50
N ALA A 13 -2.66 -1.01 7.54
CA ALA A 13 -1.97 -1.62 8.67
C ALA A 13 -0.56 -1.06 8.81
N ALA A 14 -0.36 0.16 8.33
CA ALA A 14 0.95 0.81 8.39
C ALA A 14 2.04 -0.06 7.77
N ASN A 15 1.64 -0.96 6.86
CA ASN A 15 2.58 -1.84 6.20
C ASN A 15 2.93 -1.33 4.82
N VAL A 16 4.22 -1.16 4.58
CA VAL A 16 4.72 -0.66 3.31
C VAL A 16 5.22 -1.81 2.43
N ALA A 17 6.27 -2.49 2.89
CA ALA A 17 6.84 -3.61 2.15
C ALA A 17 5.78 -4.65 1.79
N ALA A 18 4.72 -4.70 2.61
CA ALA A 18 3.64 -5.65 2.38
C ALA A 18 2.51 -5.03 1.57
N HIS A 19 2.55 -3.71 1.42
CA HIS A 19 1.52 -3.00 0.66
C HIS A 19 1.79 -3.07 -0.84
N THR A 20 2.98 -2.64 -1.25
CA THR A 20 3.36 -2.65 -2.66
C THR A 20 2.99 -3.96 -3.35
N THR A 21 2.94 -5.04 -2.57
CA THR A 21 2.60 -6.36 -3.10
C THR A 21 1.34 -6.31 -3.97
N HIS A 22 0.36 -5.54 -3.53
CA HIS A 22 -0.90 -5.40 -4.25
C HIS A 22 -0.96 -4.07 -4.99
N CYS A 23 -0.41 -3.05 -4.38
CA CYS A 23 -0.41 -1.72 -4.93
C CYS A 23 0.76 -1.52 -5.89
N PHE A 24 0.47 -1.05 -7.09
CA PHE A 24 1.50 -0.81 -8.10
C PHE A 24 1.90 0.66 -8.14
N LYS A 25 1.83 1.32 -6.98
CA LYS A 25 2.17 2.73 -6.90
C LYS A 25 1.29 3.57 -7.79
N ALA A 1 6.66 3.99 -1.29
CA ALA A 1 6.45 3.49 0.10
C ALA A 1 5.14 4.02 0.68
N VAL A 2 4.05 3.34 0.35
CA VAL A 2 2.72 3.72 0.84
C VAL A 2 2.50 5.23 0.74
N TYR A 3 3.14 5.86 -0.25
CA TYR A 3 3.02 7.29 -0.46
C TYR A 3 2.17 7.58 -1.69
N TYR A 4 2.59 7.03 -2.83
CA TYR A 4 1.88 7.22 -4.09
C TYR A 4 0.61 6.37 -4.12
N CYS A 5 0.57 5.34 -3.29
CA CYS A 5 -0.59 4.44 -3.23
C CYS A 5 -1.88 5.23 -3.04
N ILE A 6 -2.70 5.26 -4.09
CA ILE A 6 -3.97 5.97 -4.06
C ILE A 6 -5.12 5.03 -3.74
N LEU A 7 -4.83 3.98 -2.98
CA LEU A 7 -5.84 3.00 -2.61
C LEU A 7 -5.96 2.89 -1.09
N PRO A 8 -6.90 3.65 -0.49
CA PRO A 8 -7.10 3.64 0.96
C PRO A 8 -7.89 2.41 1.42
N LYS A 9 -7.40 1.24 1.05
CA LYS A 9 -8.05 -0.02 1.43
C LYS A 9 -7.32 -1.21 0.82
N CYS A 10 -6.00 -1.13 0.76
CA CYS A 10 -5.19 -2.20 0.19
C CYS A 10 -4.46 -2.97 1.28
N ALA A 11 -3.93 -2.25 2.26
CA ALA A 11 -3.21 -2.86 3.38
C ALA A 11 -4.13 -3.07 4.58
N ALA A 12 -3.53 -3.38 5.72
CA ALA A 12 -4.29 -3.60 6.94
C ALA A 12 -4.14 -2.42 7.90
N ALA A 13 -2.93 -1.88 7.97
CA ALA A 13 -2.66 -0.75 8.86
C ALA A 13 -1.63 0.20 8.23
N ALA A 14 -1.85 0.55 6.97
CA ALA A 14 -0.95 1.45 6.26
C ALA A 14 0.45 0.86 6.18
N ASN A 15 0.54 -0.41 5.82
CA ASN A 15 1.82 -1.09 5.70
C ASN A 15 2.49 -0.75 4.39
N VAL A 16 3.81 -0.63 4.43
CA VAL A 16 4.60 -0.30 3.25
C VAL A 16 5.24 -1.53 2.64
N ALA A 17 5.80 -2.39 3.50
CA ALA A 17 6.45 -3.61 3.04
C ALA A 17 5.43 -4.66 2.61
N ALA A 18 4.20 -4.52 3.11
CA ALA A 18 3.13 -5.45 2.76
C ALA A 18 2.10 -4.83 1.83
N HIS A 19 2.40 -3.64 1.32
CA HIS A 19 1.47 -2.95 0.41
C HIS A 19 1.78 -3.30 -1.04
N THR A 20 3.02 -3.05 -1.46
CA THR A 20 3.43 -3.32 -2.84
C THR A 20 2.98 -4.71 -3.30
N THR A 21 2.80 -5.63 -2.35
CA THR A 21 2.37 -6.99 -2.66
C THR A 21 1.13 -6.98 -3.55
N HIS A 22 0.21 -6.07 -3.27
CA HIS A 22 -1.03 -5.97 -4.04
C HIS A 22 -0.99 -4.77 -4.98
N CYS A 23 -0.33 -3.72 -4.55
CA CYS A 23 -0.22 -2.50 -5.32
C CYS A 23 0.99 -2.55 -6.25
N PHE A 24 1.18 -1.48 -7.02
CA PHE A 24 2.30 -1.40 -7.96
C PHE A 24 2.94 -0.01 -7.91
N LYS A 25 2.91 0.61 -6.75
CA LYS A 25 3.50 1.94 -6.57
C LYS A 25 2.82 2.96 -7.49
N ALA A 1 5.21 3.00 -2.95
CA ALA A 1 5.23 2.95 -1.47
C ALA A 1 3.83 3.20 -0.89
N VAL A 2 3.77 3.42 0.41
CA VAL A 2 2.49 3.67 1.08
C VAL A 2 2.04 5.12 0.86
N TYR A 3 3.01 6.03 0.81
CA TYR A 3 2.71 7.44 0.60
C TYR A 3 2.16 7.68 -0.81
N TYR A 4 2.63 6.87 -1.75
CA TYR A 4 2.19 6.98 -3.14
C TYR A 4 1.11 5.94 -3.46
N CYS A 5 0.44 5.44 -2.44
CA CYS A 5 -0.60 4.44 -2.62
C CYS A 5 -1.94 5.11 -2.93
N ILE A 6 -2.40 4.95 -4.17
CA ILE A 6 -3.66 5.54 -4.59
C ILE A 6 -4.80 4.53 -4.48
N LEU A 7 -4.74 3.68 -3.47
CA LEU A 7 -5.76 2.66 -3.26
C LEU A 7 -6.18 2.61 -1.80
N PRO A 8 -7.09 3.51 -1.38
CA PRO A 8 -7.57 3.57 0.01
C PRO A 8 -8.42 2.36 0.38
N LYS A 9 -7.85 1.17 0.23
CA LYS A 9 -8.56 -0.08 0.55
C LYS A 9 -7.73 -1.28 0.13
N CYS A 10 -6.42 -1.21 0.33
CA CYS A 10 -5.53 -2.30 -0.03
C CYS A 10 -4.98 -2.99 1.22
N ALA A 11 -4.65 -2.20 2.23
CA ALA A 11 -4.12 -2.72 3.48
C ALA A 11 -4.73 -2.02 4.68
N ALA A 12 -4.25 -2.35 5.87
CA ALA A 12 -4.75 -1.75 7.10
C ALA A 12 -3.73 -1.84 8.22
N ALA A 13 -2.45 -1.71 7.87
CA ALA A 13 -1.38 -1.79 8.86
C ALA A 13 -0.36 -0.67 8.67
N ALA A 14 -0.69 0.31 7.82
CA ALA A 14 0.19 1.44 7.55
C ALA A 14 1.59 0.96 7.17
N ASN A 15 1.67 -0.24 6.61
CA ASN A 15 2.95 -0.81 6.20
C ASN A 15 3.10 -0.75 4.68
N VAL A 16 4.33 -0.66 4.23
CA VAL A 16 4.64 -0.59 2.81
C VAL A 16 5.09 -1.94 2.27
N ALA A 17 5.98 -2.59 3.01
CA ALA A 17 6.49 -3.89 2.61
C ALA A 17 5.35 -4.89 2.37
N ALA A 18 4.21 -4.64 3.00
CA ALA A 18 3.05 -5.50 2.85
C ALA A 18 2.03 -4.91 1.88
N HIS A 19 2.15 -3.62 1.61
CA HIS A 19 1.24 -2.95 0.69
C HIS A 19 1.66 -3.16 -0.76
N THR A 20 2.92 -2.84 -1.06
CA THR A 20 3.44 -2.99 -2.42
C THR A 20 3.08 -4.35 -3.03
N THR A 21 2.87 -5.35 -2.17
CA THR A 21 2.52 -6.68 -2.63
C THR A 21 1.33 -6.65 -3.59
N HIS A 22 0.36 -5.81 -3.31
CA HIS A 22 -0.82 -5.68 -4.15
C HIS A 22 -0.76 -4.42 -5.00
N CYS A 23 -0.17 -3.37 -4.44
CA CYS A 23 -0.05 -2.10 -5.12
C CYS A 23 1.21 -2.03 -5.96
N PHE A 24 1.10 -1.46 -7.15
CA PHE A 24 2.24 -1.33 -8.05
C PHE A 24 2.90 0.04 -7.89
N LYS A 25 3.07 0.47 -6.66
CA LYS A 25 3.69 1.76 -6.38
C LYS A 25 2.88 2.90 -6.98
N ALA A 1 6.26 1.85 -1.34
CA ALA A 1 5.83 2.84 -0.32
C ALA A 1 4.31 3.00 -0.31
N VAL A 2 3.78 3.51 0.80
CA VAL A 2 2.34 3.71 0.93
C VAL A 2 1.95 5.13 0.54
N TYR A 3 2.90 6.06 0.63
CA TYR A 3 2.65 7.45 0.29
C TYR A 3 2.10 7.56 -1.14
N TYR A 4 2.54 6.66 -2.00
CA TYR A 4 2.11 6.65 -3.40
C TYR A 4 1.05 5.58 -3.62
N CYS A 5 0.34 5.20 -2.56
CA CYS A 5 -0.69 4.19 -2.65
C CYS A 5 -2.00 4.80 -3.15
N ILE A 6 -2.30 4.58 -4.43
CA ILE A 6 -3.52 5.11 -5.03
C ILE A 6 -4.75 4.29 -4.61
N LEU A 7 -4.53 3.21 -3.88
CA LEU A 7 -5.61 2.36 -3.42
C LEU A 7 -5.87 2.55 -1.92
N PRO A 8 -6.79 3.45 -1.56
CA PRO A 8 -7.13 3.73 -0.16
C PRO A 8 -8.02 2.65 0.45
N LYS A 9 -7.58 1.39 0.35
CA LYS A 9 -8.33 0.26 0.89
C LYS A 9 -7.65 -1.05 0.56
N CYS A 10 -6.32 -1.06 0.62
CA CYS A 10 -5.55 -2.26 0.31
C CYS A 10 -5.07 -2.95 1.59
N ALA A 11 -4.64 -2.14 2.55
CA ALA A 11 -4.15 -2.67 3.83
C ALA A 11 -4.86 -2.00 5.00
N ALA A 12 -4.42 -2.32 6.22
CA ALA A 12 -5.00 -1.76 7.42
C ALA A 12 -4.03 -1.82 8.59
N ALA A 13 -2.74 -1.74 8.29
CA ALA A 13 -1.71 -1.79 9.31
C ALA A 13 -0.56 -0.83 8.99
N ALA A 14 -0.85 0.18 8.16
CA ALA A 14 0.15 1.16 7.79
C ALA A 14 1.41 0.49 7.22
N ASN A 15 1.22 -0.70 6.64
CA ASN A 15 2.33 -1.44 6.06
C ASN A 15 2.68 -0.91 4.68
N VAL A 16 3.97 -0.71 4.45
CA VAL A 16 4.47 -0.20 3.19
C VAL A 16 5.01 -1.34 2.32
N ALA A 17 6.07 -1.98 2.79
CA ALA A 17 6.67 -3.09 2.06
C ALA A 17 5.65 -4.17 1.75
N ALA A 18 4.65 -4.29 2.61
CA ALA A 18 3.60 -5.30 2.42
C ALA A 18 2.46 -4.76 1.56
N HIS A 19 2.47 -3.46 1.29
CA HIS A 19 1.44 -2.82 0.48
C HIS A 19 1.72 -3.02 -1.01
N THR A 20 2.92 -2.65 -1.45
CA THR A 20 3.30 -2.78 -2.86
C THR A 20 2.93 -4.15 -3.42
N THR A 21 2.86 -5.15 -2.54
CA THR A 21 2.52 -6.51 -2.97
C THR A 21 1.25 -6.53 -3.81
N HIS A 22 0.27 -5.72 -3.42
CA HIS A 22 -1.00 -5.65 -4.15
C HIS A 22 -1.09 -4.38 -4.99
N CYS A 23 -0.49 -3.32 -4.49
CA CYS A 23 -0.49 -2.05 -5.17
C CYS A 23 0.68 -1.93 -6.14
N PHE A 24 0.74 -0.81 -6.85
CA PHE A 24 1.81 -0.57 -7.82
C PHE A 24 2.14 0.91 -7.91
N LYS A 25 2.08 1.61 -6.78
CA LYS A 25 2.36 3.04 -6.74
C LYS A 25 1.39 3.81 -7.63
N ALA A 1 7.14 3.80 -1.05
CA ALA A 1 6.64 3.31 0.26
C ALA A 1 5.25 3.86 0.56
N VAL A 2 4.23 3.22 -0.01
CA VAL A 2 2.84 3.64 0.18
C VAL A 2 2.69 5.15 0.06
N TYR A 3 3.54 5.77 -0.75
CA TYR A 3 3.49 7.21 -0.96
C TYR A 3 2.48 7.58 -2.03
N TYR A 4 2.62 6.99 -3.21
CA TYR A 4 1.71 7.24 -4.31
C TYR A 4 0.54 6.25 -4.29
N CYS A 5 0.44 5.47 -3.22
CA CYS A 5 -0.63 4.49 -3.07
C CYS A 5 -1.98 5.18 -3.07
N ILE A 6 -2.74 4.98 -4.15
CA ILE A 6 -4.07 5.58 -4.28
C ILE A 6 -5.15 4.59 -3.88
N LEU A 7 -4.82 3.72 -2.93
CA LEU A 7 -5.76 2.71 -2.46
C LEU A 7 -5.63 2.53 -0.95
N PRO A 8 -6.37 3.34 -0.16
CA PRO A 8 -6.32 3.26 1.31
C PRO A 8 -6.82 1.92 1.84
N LYS A 9 -7.69 1.27 1.06
CA LYS A 9 -8.24 -0.02 1.44
C LYS A 9 -7.47 -1.16 0.78
N CYS A 10 -6.14 -1.04 0.78
CA CYS A 10 -5.28 -2.05 0.18
C CYS A 10 -4.57 -2.87 1.25
N ALA A 11 -4.11 -2.19 2.30
CA ALA A 11 -3.40 -2.85 3.40
C ALA A 11 -4.32 -3.04 4.59
N ALA A 12 -3.73 -3.37 5.74
CA ALA A 12 -4.50 -3.59 6.96
C ALA A 12 -4.37 -2.41 7.92
N ALA A 13 -3.13 -1.95 8.11
CA ALA A 13 -2.87 -0.83 9.00
C ALA A 13 -1.89 0.16 8.37
N ALA A 14 -2.09 0.44 7.09
CA ALA A 14 -1.23 1.37 6.37
C ALA A 14 0.22 0.87 6.36
N ASN A 15 0.39 -0.42 6.15
CA ASN A 15 1.72 -1.02 6.12
C ASN A 15 2.37 -0.79 4.77
N VAL A 16 3.68 -0.57 4.79
CA VAL A 16 4.44 -0.32 3.59
C VAL A 16 5.18 -1.57 3.12
N ALA A 17 5.79 -2.27 4.06
CA ALA A 17 6.54 -3.49 3.76
C ALA A 17 5.59 -4.65 3.47
N ALA A 18 4.74 -4.48 2.46
CA ALA A 18 3.78 -5.50 2.06
C ALA A 18 2.72 -4.91 1.12
N HIS A 19 2.42 -3.63 1.29
CA HIS A 19 1.44 -2.95 0.46
C HIS A 19 1.71 -3.20 -1.03
N THR A 20 2.95 -2.97 -1.46
CA THR A 20 3.32 -3.15 -2.85
C THR A 20 2.81 -4.48 -3.41
N THR A 21 2.62 -5.46 -2.54
CA THR A 21 2.13 -6.78 -2.96
C THR A 21 0.86 -6.67 -3.80
N HIS A 22 -0.01 -5.74 -3.43
CA HIS A 22 -1.27 -5.55 -4.16
C HIS A 22 -1.21 -4.30 -5.03
N CYS A 23 -0.49 -3.30 -4.54
CA CYS A 23 -0.36 -2.04 -5.24
C CYS A 23 0.83 -2.07 -6.20
N PHE A 24 1.01 -0.99 -6.95
CA PHE A 24 2.10 -0.89 -7.90
C PHE A 24 2.49 0.57 -8.14
N LYS A 25 2.39 1.37 -7.08
CA LYS A 25 2.74 2.78 -7.16
C LYS A 25 1.87 3.50 -8.19
#